data_3P8A
#
_entry.id   3P8A
#
_cell.length_a   148.180
_cell.length_b   49.730
_cell.length_c   67.850
_cell.angle_alpha   90.00
_cell.angle_beta   90.00
_cell.angle_gamma   90.00
#
_symmetry.space_group_name_H-M   'P 21 21 2'
#
loop_
_entity.id
_entity.type
_entity.pdbx_description
1 polymer 'uncharacterized protein'
2 non-polymer GLYCEROL
3 non-polymer 2-[BIS-(2-HYDROXY-ETHYL)-AMINO]-2-HYDROXYMETHYL-PROPANE-1,3-DIOL
4 non-polymer 'TETRAETHYLENE GLYCOL'
5 non-polymer 'CHLORIDE ION'
6 water water
#
_entity_poly.entity_id   1
_entity_poly.type   'polypeptide(L)'
_entity_poly.pdbx_seq_one_letter_code
;(MSE)GSSHHHHHHSSGLVPRGSH(MSE)ILKFDHIIHYIDQLDRFSFPGDVIKLHSGGYHHKYGTFNKLGYINENYIEL
LDVENNEKLKK(MSE)AKTIEGGVAFATQIVQEKYEQGFKNICLHTNDIEAVKNKLQSEQVEVVGPIQ(MSE)ERDTHKD
GKVKWQLLYI(MSE)NQDDDEIKPPFFIQWEESDS(MSE)RTKKLQKYFQKQFSIETVIVKSKNRSQTVSNWLKWFD
(MSE)DIVEENDHYTDLILKNDDIYFRIEDGKVSKYHSVIIKDAQATSPYSIFIRGAIYRFEPLV
;
_entity_poly.pdbx_strand_id   A,B
#
loop_
_chem_comp.id
_chem_comp.type
_chem_comp.name
_chem_comp.formula
BTB non-polymer 2-[BIS-(2-HYDROXY-ETHYL)-AMINO]-2-HYDROXYMETHYL-PROPANE-1,3-DIOL 'C8 H19 N O5'
CL non-polymer 'CHLORIDE ION' 'Cl -1'
GOL non-polymer GLYCEROL 'C3 H8 O3'
PG4 non-polymer 'TETRAETHYLENE GLYCOL' 'C8 H18 O5'
#
# COMPACT_ATOMS: atom_id res chain seq x y z
N MSE A 21 -18.56 2.60 27.68
CA MSE A 21 -17.45 3.46 28.11
C MSE A 21 -17.05 4.51 27.06
O MSE A 21 -16.71 4.14 25.93
CB MSE A 21 -16.24 2.62 28.60
CG MSE A 21 -15.79 1.52 27.64
SE MSE A 21 -14.01 0.80 28.01
CE MSE A 21 -13.61 0.08 26.22
N ILE A 22 -17.12 5.80 27.43
CA ILE A 22 -16.78 6.87 26.49
C ILE A 22 -15.27 7.18 26.44
N LEU A 23 -14.65 6.78 25.32
CA LEU A 23 -13.22 6.98 25.03
C LEU A 23 -13.02 7.97 23.92
N LYS A 24 -12.03 8.85 24.07
CA LYS A 24 -11.66 9.82 23.06
C LYS A 24 -10.15 9.85 22.97
N PHE A 25 -9.61 10.31 21.84
CA PHE A 25 -8.17 10.45 21.65
C PHE A 25 -7.65 11.57 22.58
N ASP A 26 -6.59 11.32 23.37
CA ASP A 26 -6.04 12.36 24.21
C ASP A 26 -4.76 12.94 23.64
N HIS A 27 -3.74 12.11 23.47
CA HIS A 27 -2.48 12.60 22.97
C HIS A 27 -1.66 11.51 22.30
N ILE A 28 -0.67 11.91 21.50
CA ILE A 28 0.28 11.03 20.86
C ILE A 28 1.65 11.37 21.46
N ILE A 29 2.47 10.37 21.72
CA ILE A 29 3.81 10.57 22.29
C ILE A 29 4.85 10.45 21.24
N HIS A 30 5.70 11.48 21.17
CA HIS A 30 6.84 11.50 20.27
C HIS A 30 8.13 11.63 21.11
N TYR A 31 8.99 10.58 21.09
CA TYR A 31 10.28 10.59 21.78
C TYR A 31 11.30 11.36 20.93
N ILE A 32 11.84 12.47 21.49
CA ILE A 32 12.81 13.34 20.83
C ILE A 32 14.04 13.52 21.72
N ASP A 33 15.21 13.11 21.24
CA ASP A 33 16.45 13.27 22.00
C ASP A 33 16.81 14.77 21.99
N GLN A 34 17.40 15.31 23.09
CA GLN A 34 17.77 16.74 23.16
C GLN A 34 16.56 17.64 22.89
N LEU A 35 15.44 17.32 23.55
CA LEU A 35 14.18 18.05 23.42
C LEU A 35 14.26 19.54 23.79
N ASP A 36 15.16 19.93 24.71
CA ASP A 36 15.29 21.35 25.09
C ASP A 36 15.66 22.28 23.94
N ARG A 37 16.40 21.74 22.95
CA ARG A 37 16.86 22.49 21.79
C ARG A 37 15.79 22.53 20.69
N PHE A 38 14.86 21.58 20.77
CA PHE A 38 13.85 21.32 19.75
C PHE A 38 12.73 22.34 19.62
N SER A 39 12.36 22.60 18.37
CA SER A 39 11.21 23.36 17.91
C SER A 39 10.78 22.75 16.58
N PHE A 40 9.50 22.86 16.24
CA PHE A 40 8.96 22.39 14.97
C PHE A 40 9.44 23.30 13.83
N PRO A 41 9.61 22.76 12.59
CA PRO A 41 10.04 23.58 11.46
C PRO A 41 9.08 24.75 11.19
N GLY A 42 9.65 25.95 11.07
CA GLY A 42 8.91 27.20 10.88
C GLY A 42 7.85 27.45 11.94
N ASP A 43 8.03 26.83 13.13
CA ASP A 43 7.10 26.93 14.28
C ASP A 43 5.65 26.62 13.85
N VAL A 44 5.46 25.68 12.88
CA VAL A 44 4.14 25.30 12.33
C VAL A 44 3.19 24.93 13.50
N ILE A 45 3.67 24.12 14.44
CA ILE A 45 2.96 23.76 15.66
C ILE A 45 3.72 24.40 16.79
N LYS A 46 3.04 25.26 17.56
CA LYS A 46 3.64 25.93 18.70
C LYS A 46 3.77 24.95 19.86
N LEU A 47 4.83 25.10 20.63
CA LEU A 47 5.15 24.26 21.77
C LEU A 47 5.18 25.05 23.05
N HIS A 48 4.81 24.39 24.14
CA HIS A 48 4.80 24.92 25.50
C HIS A 48 5.51 23.91 26.38
N SER A 49 6.48 24.37 27.19
CA SER A 49 7.21 23.52 28.13
C SER A 49 6.22 22.89 29.08
N GLY A 50 6.39 21.59 29.31
CA GLY A 50 5.52 20.82 30.19
C GLY A 50 6.08 20.76 31.60
N GLY A 51 6.44 19.57 32.02
CA GLY A 51 6.99 19.33 33.34
C GLY A 51 7.83 18.08 33.36
N TYR A 52 8.26 17.68 34.56
CA TYR A 52 9.09 16.51 34.82
C TYR A 52 8.27 15.43 35.52
N HIS A 53 8.40 14.18 35.06
CA HIS A 53 7.74 13.01 35.64
C HIS A 53 8.77 12.41 36.60
N HIS A 54 8.66 12.74 37.91
CA HIS A 54 9.61 12.31 38.94
C HIS A 54 9.85 10.83 39.02
N LYS A 55 8.79 10.01 38.86
CA LYS A 55 8.89 8.55 38.90
C LYS A 55 9.81 7.96 37.82
N TYR A 56 9.83 8.58 36.63
CA TYR A 56 10.57 8.06 35.48
C TYR A 56 11.82 8.80 35.04
N GLY A 57 11.96 10.07 35.40
CA GLY A 57 13.12 10.86 35.03
C GLY A 57 13.02 11.47 33.64
N THR A 58 11.77 11.61 33.13
CA THR A 58 11.44 12.15 31.81
C THR A 58 10.83 13.54 31.94
N PHE A 59 10.84 14.32 30.85
CA PHE A 59 10.22 15.65 30.75
C PHE A 59 9.59 15.81 29.39
N ASN A 60 8.67 16.76 29.27
CA ASN A 60 7.97 16.94 28.02
C ASN A 60 7.79 18.39 27.55
N LYS A 61 7.30 18.55 26.32
CA LYS A 61 6.95 19.82 25.67
C LYS A 61 5.69 19.47 24.99
N LEU A 62 4.72 20.38 25.00
CA LEU A 62 3.38 20.08 24.50
C LEU A 62 2.94 20.94 23.36
N GLY A 63 2.43 20.29 22.33
CA GLY A 63 1.84 20.90 21.16
C GLY A 63 0.33 20.74 21.26
N TYR A 64 -0.35 21.75 21.85
CA TYR A 64 -1.81 21.71 22.00
C TYR A 64 -2.49 21.96 20.67
N ILE A 65 -3.35 21.02 20.27
CA ILE A 65 -4.09 21.12 19.02
C ILE A 65 -5.51 21.62 19.33
N ASN A 66 -6.45 20.69 19.59
CA ASN A 66 -7.84 21.04 19.89
C ASN A 66 -8.48 19.92 20.72
N GLU A 67 -8.47 20.09 22.07
CA GLU A 67 -8.97 19.13 23.05
C GLU A 67 -8.15 17.83 23.05
N ASN A 68 -6.98 17.89 22.39
CA ASN A 68 -5.97 16.83 22.29
C ASN A 68 -4.63 17.49 21.99
N TYR A 69 -3.53 16.75 22.14
CA TYR A 69 -2.23 17.36 21.95
C TYR A 69 -1.18 16.39 21.51
N ILE A 70 0.00 16.93 21.20
CA ILE A 70 1.19 16.17 20.89
C ILE A 70 2.08 16.30 22.12
N GLU A 71 2.50 15.15 22.68
CA GLU A 71 3.42 15.14 23.78
C GLU A 71 4.79 14.79 23.25
N LEU A 72 5.72 15.75 23.30
CA LEU A 72 7.10 15.49 22.91
C LEU A 72 7.76 15.10 24.20
N LEU A 73 8.44 13.98 24.22
CA LEU A 73 9.00 13.41 25.45
C LEU A 73 10.47 13.14 25.34
N ASP A 74 11.23 13.42 26.43
CA ASP A 74 12.65 13.12 26.49
C ASP A 74 13.03 12.64 27.91
N VAL A 75 14.22 12.09 28.07
CA VAL A 75 14.72 11.59 29.33
C VAL A 75 15.84 12.46 29.87
N GLU A 76 15.66 12.96 31.09
CA GLU A 76 16.63 13.78 31.82
C GLU A 76 17.51 12.88 32.70
N ASN A 77 16.87 11.95 33.43
CA ASN A 77 17.55 11.01 34.33
C ASN A 77 17.47 9.56 33.79
N ASN A 78 18.44 9.19 32.95
CA ASN A 78 18.59 7.89 32.31
C ASN A 78 18.75 6.71 33.25
N GLU A 79 19.49 6.91 34.35
CA GLU A 79 19.71 5.82 35.31
C GLU A 79 18.40 5.45 36.03
N LYS A 80 17.55 6.47 36.36
CA LYS A 80 16.25 6.27 36.97
C LYS A 80 15.32 5.52 36.01
N LEU A 81 15.21 5.98 34.75
CA LEU A 81 14.34 5.34 33.75
C LEU A 81 14.72 3.88 33.48
N LYS A 82 16.03 3.58 33.39
CA LYS A 82 16.53 2.22 33.17
C LYS A 82 16.17 1.27 34.33
N LYS A 83 16.22 1.80 35.58
CA LYS A 83 15.86 1.06 36.80
C LYS A 83 14.38 0.74 36.74
N MSE A 84 13.57 1.79 36.45
CA MSE A 84 12.12 1.70 36.37
CA MSE A 84 12.11 1.74 36.34
C MSE A 84 11.66 0.77 35.26
O MSE A 84 10.66 0.10 35.44
CB MSE A 84 11.48 3.09 36.26
CB MSE A 84 11.54 3.14 36.05
CG MSE A 84 11.66 3.94 37.52
CG MSE A 84 11.22 3.93 37.30
SE MSE A 84 11.02 3.11 39.17
SE MSE A 84 9.98 3.12 38.59
CE MSE A 84 12.74 2.52 39.94
CE MSE A 84 8.56 2.43 37.41
N ALA A 85 12.41 0.72 34.13
CA ALA A 85 12.07 -0.18 33.01
C ALA A 85 12.14 -1.66 33.36
N LYS A 86 12.85 -2.01 34.44
CA LYS A 86 13.03 -3.40 34.87
C LYS A 86 11.95 -3.88 35.85
N THR A 87 11.07 -2.97 36.28
CA THR A 87 9.95 -3.28 37.17
C THR A 87 8.75 -3.73 36.31
N ILE A 88 7.68 -4.19 36.96
CA ILE A 88 6.46 -4.67 36.32
C ILE A 88 5.71 -3.50 35.70
N GLU A 89 5.62 -2.38 36.44
CA GLU A 89 5.03 -1.15 35.96
C GLU A 89 5.85 -0.65 34.74
N GLY A 90 7.16 -0.76 34.82
CA GLY A 90 8.12 -0.39 33.79
C GLY A 90 8.01 -1.17 32.49
N GLY A 91 7.47 -2.40 32.56
CA GLY A 91 7.24 -3.23 31.38
C GLY A 91 6.09 -2.71 30.53
N VAL A 92 5.20 -1.87 31.11
CA VAL A 92 4.06 -1.28 30.41
C VAL A 92 4.07 0.26 30.29
N ALA A 93 4.76 0.96 31.20
CA ALA A 93 4.71 2.43 31.28
C ALA A 93 5.10 3.17 29.99
N PHE A 94 4.45 4.33 29.73
CA PHE A 94 4.74 5.12 28.54
C PHE A 94 6.21 5.56 28.48
N ALA A 95 6.78 6.05 29.62
CA ALA A 95 8.16 6.58 29.64
C ALA A 95 9.25 5.53 29.36
N THR A 96 9.13 4.35 29.94
CA THR A 96 10.07 3.25 29.84
C THR A 96 10.13 2.63 28.45
N GLN A 97 9.14 2.96 27.57
CA GLN A 97 9.12 2.52 26.16
C GLN A 97 10.35 3.05 25.46
N ILE A 98 10.85 4.24 25.90
CA ILE A 98 12.09 4.88 25.38
C ILE A 98 13.25 3.88 25.50
N VAL A 99 13.38 3.24 26.66
CA VAL A 99 14.43 2.23 26.93
C VAL A 99 14.18 0.93 26.16
N GLN A 100 12.98 0.37 26.34
CA GLN A 100 12.56 -0.90 25.74
C GLN A 100 12.62 -0.90 24.21
N GLU A 101 12.39 0.28 23.60
CA GLU A 101 12.49 0.45 22.16
C GLU A 101 13.87 0.98 21.71
N LYS A 102 14.91 0.68 22.52
CA LYS A 102 16.34 0.94 22.27
C LYS A 102 16.68 2.38 21.92
N TYR A 103 15.97 3.37 22.53
CA TYR A 103 16.23 4.80 22.32
C TYR A 103 16.04 5.25 20.86
N GLU A 104 15.21 4.53 20.11
CA GLU A 104 14.84 4.88 18.74
C GLU A 104 13.81 6.00 18.84
N GLN A 105 14.10 7.15 18.22
CA GLN A 105 13.21 8.31 18.24
C GLN A 105 12.00 8.11 17.33
N GLY A 106 10.89 8.75 17.67
CA GLY A 106 9.65 8.67 16.91
C GLY A 106 8.43 8.54 17.78
N PHE A 107 7.26 8.36 17.14
CA PHE A 107 6.02 8.16 17.86
C PHE A 107 6.12 6.88 18.67
N LYS A 108 5.80 6.97 19.97
CA LYS A 108 5.88 5.82 20.89
C LYS A 108 4.54 5.13 21.14
N ASN A 109 3.48 5.94 21.32
CA ASN A 109 2.15 5.44 21.63
C ASN A 109 1.12 6.53 21.52
N ILE A 110 -0.15 6.14 21.71
CA ILE A 110 -1.29 7.06 21.79
C ILE A 110 -1.95 6.80 23.13
N CYS A 111 -2.65 7.80 23.61
CA CYS A 111 -3.30 7.76 24.89
C CYS A 111 -4.74 8.15 24.68
N LEU A 112 -5.64 7.38 25.28
CA LEU A 112 -7.06 7.61 25.15
C LEU A 112 -7.64 8.14 26.47
N HIS A 113 -8.43 9.20 26.37
CA HIS A 113 -9.08 9.90 27.46
C HIS A 113 -10.36 9.18 27.97
N THR A 114 -10.56 9.10 29.30
CA THR A 114 -11.78 8.62 29.95
C THR A 114 -12.17 9.50 31.12
N ASN A 115 -13.46 9.60 31.41
CA ASN A 115 -13.92 10.32 32.60
C ASN A 115 -14.12 9.34 33.76
N ASP A 116 -13.95 8.02 33.49
CA ASP A 116 -14.10 6.96 34.46
C ASP A 116 -13.12 5.81 34.24
N ILE A 117 -11.88 5.98 34.75
CA ILE A 117 -10.82 4.98 34.59
C ILE A 117 -11.09 3.66 35.35
N GLU A 118 -11.86 3.72 36.46
CA GLU A 118 -12.22 2.55 37.26
C GLU A 118 -13.20 1.66 36.52
N ALA A 119 -14.17 2.26 35.79
CA ALA A 119 -15.15 1.58 34.93
C ALA A 119 -14.41 0.92 33.76
N VAL A 120 -13.36 1.58 33.23
CA VAL A 120 -12.53 1.01 32.17
C VAL A 120 -11.80 -0.18 32.74
N LYS A 121 -11.18 -0.04 33.93
CA LYS A 121 -10.47 -1.14 34.57
C LYS A 121 -11.40 -2.35 34.82
N ASN A 122 -12.60 -2.10 35.33
CA ASN A 122 -13.59 -3.14 35.59
C ASN A 122 -14.04 -3.84 34.32
N LYS A 123 -14.25 -3.07 33.21
CA LYS A 123 -14.67 -3.62 31.94
C LYS A 123 -13.57 -4.52 31.34
N LEU A 124 -12.30 -4.09 31.42
CA LEU A 124 -11.21 -4.89 30.87
C LEU A 124 -11.01 -6.14 31.72
N GLN A 125 -11.06 -5.98 33.05
CA GLN A 125 -10.93 -7.08 34.00
C GLN A 125 -12.07 -8.10 33.88
N SER A 126 -13.27 -7.66 33.47
CA SER A 126 -14.43 -8.56 33.26
C SER A 126 -14.26 -9.38 31.97
N GLU A 127 -13.26 -9.01 31.13
CA GLU A 127 -12.91 -9.71 29.88
C GLU A 127 -11.57 -10.41 30.04
N GLN A 128 -11.06 -10.48 31.28
CA GLN A 128 -9.79 -11.11 31.63
C GLN A 128 -8.57 -10.46 30.95
N VAL A 129 -8.64 -9.17 30.65
CA VAL A 129 -7.43 -8.51 30.14
C VAL A 129 -6.65 -8.06 31.37
N GLU A 130 -5.38 -8.48 31.47
CA GLU A 130 -4.53 -8.13 32.61
C GLU A 130 -4.23 -6.63 32.45
N VAL A 131 -4.49 -5.86 33.49
CA VAL A 131 -4.26 -4.42 33.49
C VAL A 131 -3.21 -4.06 34.56
N VAL A 132 -2.50 -2.94 34.39
CA VAL A 132 -1.56 -2.37 35.36
C VAL A 132 -2.10 -0.99 35.70
N GLY A 133 -2.39 -0.78 36.98
CA GLY A 133 -2.92 0.48 37.44
C GLY A 133 -4.33 0.42 38.01
N PRO A 134 -4.97 1.58 38.25
CA PRO A 134 -4.52 2.96 37.94
C PRO A 134 -3.25 3.41 38.66
N ILE A 135 -2.35 4.04 37.87
CA ILE A 135 -1.07 4.60 38.32
C ILE A 135 -1.28 6.10 38.53
N GLN A 136 -1.09 6.59 39.77
CA GLN A 136 -1.19 8.02 40.09
C GLN A 136 0.02 8.77 39.52
N MSE A 137 -0.24 9.89 38.82
CA MSE A 137 0.80 10.66 38.15
C MSE A 137 0.65 12.15 38.41
O MSE A 137 -0.46 12.65 38.60
CB MSE A 137 0.67 10.47 36.62
CG MSE A 137 0.95 9.06 36.12
SE MSE A 137 2.85 8.57 36.02
CE MSE A 137 3.50 9.95 34.82
N GLU A 138 1.77 12.87 38.34
CA GLU A 138 1.78 14.32 38.50
C GLU A 138 3.01 14.94 37.85
N ARG A 139 2.92 16.22 37.60
CA ARG A 139 4.00 17.08 37.13
C ARG A 139 3.67 18.50 37.58
N ASP A 140 4.69 19.25 37.99
CA ASP A 140 4.51 20.64 38.43
C ASP A 140 4.31 21.55 37.24
N THR A 141 3.45 22.57 37.40
CA THR A 141 3.26 23.61 36.38
C THR A 141 4.35 24.67 36.65
N HIS A 142 4.63 25.56 35.69
CA HIS A 142 5.69 26.57 35.87
C HIS A 142 5.36 27.65 36.93
N LYS A 143 4.14 27.59 37.52
CA LYS A 143 3.61 28.51 38.53
C LYS A 143 3.48 27.77 39.89
N LYS A 146 0.93 22.27 39.94
CA LYS A 146 0.76 20.82 39.92
C LYS A 146 -0.45 20.35 39.12
N VAL A 147 -0.20 19.45 38.15
CA VAL A 147 -1.26 18.86 37.33
C VAL A 147 -1.31 17.37 37.65
N LYS A 148 -2.50 16.83 37.96
CA LYS A 148 -2.63 15.42 38.34
C LYS A 148 -3.50 14.57 37.40
N TRP A 149 -3.13 13.30 37.28
CA TRP A 149 -3.85 12.34 36.46
C TRP A 149 -3.56 10.90 36.88
N GLN A 150 -4.34 9.97 36.34
CA GLN A 150 -4.17 8.53 36.54
C GLN A 150 -4.02 7.87 35.18
N LEU A 151 -3.16 6.86 35.11
CA LEU A 151 -2.96 6.07 33.90
C LEU A 151 -3.35 4.61 34.16
N LEU A 152 -3.83 3.91 33.14
CA LEU A 152 -4.16 2.50 33.22
C LEU A 152 -3.60 1.88 31.96
N TYR A 153 -2.88 0.77 32.14
CA TYR A 153 -2.23 0.10 31.03
C TYR A 153 -2.79 -1.28 30.79
N ILE A 154 -2.77 -1.71 29.53
CA ILE A 154 -3.13 -3.07 29.17
C ILE A 154 -1.86 -3.91 29.19
N MSE A 155 -1.90 -5.07 29.84
CA MSE A 155 -0.77 -5.98 29.84
C MSE A 155 -1.13 -7.28 29.09
O MSE A 155 -1.64 -8.24 29.68
CB MSE A 155 -0.26 -6.24 31.26
CG MSE A 155 1.19 -6.60 31.29
SE MSE A 155 1.48 -7.99 32.56
CE MSE A 155 1.16 -9.50 31.34
N ASN A 156 -0.90 -7.27 27.78
CA ASN A 156 -1.20 -8.41 26.92
C ASN A 156 -0.23 -9.57 27.18
N GLN A 157 -0.79 -10.75 27.56
CA GLN A 157 -0.05 -11.98 27.86
C GLN A 157 0.48 -12.62 26.58
N ASP A 158 -0.22 -12.37 25.45
CA ASP A 158 0.16 -12.81 24.13
C ASP A 158 1.09 -11.71 23.53
N ASP A 159 1.56 -11.93 22.29
CA ASP A 159 2.46 -11.02 21.59
C ASP A 159 1.76 -9.73 21.14
N ASP A 160 2.49 -8.61 21.24
CA ASP A 160 2.03 -7.31 20.75
C ASP A 160 3.00 -6.85 19.70
N GLU A 161 2.55 -6.67 18.46
CA GLU A 161 3.41 -6.07 17.46
C GLU A 161 3.51 -4.58 17.81
N ILE A 162 2.38 -4.02 18.27
CA ILE A 162 2.19 -2.61 18.56
C ILE A 162 1.97 -2.41 20.04
N LYS A 163 2.66 -1.41 20.62
CA LYS A 163 2.48 -1.15 22.05
C LYS A 163 1.04 -0.73 22.25
N PRO A 164 0.28 -1.41 23.14
CA PRO A 164 -1.13 -1.05 23.33
C PRO A 164 -1.32 0.40 23.76
N PRO A 165 -2.29 1.11 23.13
CA PRO A 165 -2.65 2.44 23.64
C PRO A 165 -3.07 2.33 25.11
N PHE A 166 -2.85 3.40 25.88
CA PHE A 166 -3.14 3.41 27.30
C PHE A 166 -4.18 4.47 27.63
N PHE A 167 -4.70 4.44 28.87
CA PHE A 167 -5.80 5.30 29.27
C PHE A 167 -5.38 6.37 30.26
N ILE A 168 -6.05 7.51 30.19
CA ILE A 168 -5.81 8.63 31.07
C ILE A 168 -7.13 9.17 31.63
N GLN A 169 -7.10 9.50 32.92
CA GLN A 169 -8.18 10.20 33.58
C GLN A 169 -7.52 11.36 34.31
N TRP A 170 -7.79 12.57 33.83
CA TRP A 170 -7.29 13.81 34.41
C TRP A 170 -8.05 14.10 35.71
N GLU A 171 -7.33 14.51 36.78
CA GLU A 171 -7.97 14.87 38.06
C GLU A 171 -8.97 15.99 37.81
N GLU A 172 -8.53 17.04 37.08
CA GLU A 172 -9.35 18.16 36.62
C GLU A 172 -10.50 17.62 35.74
N SER A 173 -11.71 18.13 35.97
CA SER A 173 -12.92 17.73 35.28
C SER A 173 -12.89 18.01 33.79
N ASP A 174 -13.82 17.36 33.08
CA ASP A 174 -14.09 17.55 31.67
C ASP A 174 -15.48 18.24 31.67
N SER A 175 -15.58 19.50 31.20
CA SER A 175 -14.47 20.21 30.56
C SER A 175 -13.88 21.38 31.38
N MSE A 176 -13.37 21.10 32.60
CA MSE A 176 -12.67 22.10 33.43
C MSE A 176 -11.26 22.30 32.82
O MSE A 176 -10.68 23.39 32.90
CB MSE A 176 -12.59 21.65 34.92
CG MSE A 176 -11.97 22.70 35.85
SE MSE A 176 -12.48 22.55 37.75
CE MSE A 176 -11.80 20.76 38.20
N ARG A 177 -10.74 21.23 32.16
CA ARG A 177 -9.46 21.21 31.45
C ARG A 177 -9.53 22.06 30.16
N THR A 178 -10.67 21.99 29.42
CA THR A 178 -10.90 22.75 28.17
C THR A 178 -10.92 24.26 28.39
N LYS A 179 -11.34 24.72 29.59
CA LYS A 179 -11.41 26.15 29.88
C LYS A 179 -10.07 26.70 30.37
N LYS A 180 -9.19 25.82 30.85
CA LYS A 180 -7.84 26.17 31.32
C LYS A 180 -6.79 26.16 30.18
N LEU A 181 -6.92 25.25 29.20
CA LEU A 181 -5.97 25.09 28.10
C LEU A 181 -6.38 25.72 26.76
N GLN A 182 -7.61 26.27 26.67
CA GLN A 182 -8.11 26.94 25.45
C GLN A 182 -7.16 28.03 24.96
N LYS A 183 -6.43 28.67 25.89
CA LYS A 183 -5.44 29.73 25.59
C LYS A 183 -4.26 29.17 24.76
N TYR A 184 -4.01 27.86 24.85
CA TYR A 184 -2.94 27.13 24.17
C TYR A 184 -3.39 26.38 22.90
N PHE A 185 -4.70 26.12 22.73
CA PHE A 185 -5.23 25.40 21.56
C PHE A 185 -4.97 26.15 20.26
N GLN A 186 -4.49 25.41 19.24
CA GLN A 186 -4.20 25.98 17.92
C GLN A 186 -5.25 25.41 17.02
N LYS A 187 -6.42 26.07 17.02
CA LYS A 187 -7.65 25.66 16.35
C LYS A 187 -7.70 25.64 14.82
N GLN A 188 -6.60 26.06 14.18
CA GLN A 188 -6.41 25.98 12.71
C GLN A 188 -6.12 24.49 12.39
N PHE A 189 -5.62 23.73 13.39
CA PHE A 189 -5.29 22.31 13.29
C PHE A 189 -6.32 21.45 13.93
N SER A 190 -6.46 20.22 13.41
CA SER A 190 -7.36 19.20 13.89
C SER A 190 -6.77 17.83 13.52
N ILE A 191 -6.48 16.99 14.52
CA ILE A 191 -5.96 15.63 14.26
C ILE A 191 -7.11 14.86 13.59
N GLU A 192 -6.83 14.19 12.46
CA GLU A 192 -7.81 13.46 11.70
C GLU A 192 -7.57 11.95 11.74
N THR A 193 -6.31 11.52 11.59
CA THR A 193 -5.96 10.11 11.52
C THR A 193 -4.62 9.85 12.13
N VAL A 194 -4.50 8.66 12.72
CA VAL A 194 -3.27 8.12 13.26
C VAL A 194 -3.04 6.85 12.47
N ILE A 195 -1.87 6.81 11.82
CA ILE A 195 -1.48 5.67 11.01
C ILE A 195 -0.46 4.82 11.75
N VAL A 196 -0.79 3.53 11.86
CA VAL A 196 0.00 2.51 12.52
C VAL A 196 0.39 1.48 11.46
N LYS A 197 1.70 1.14 11.41
CA LYS A 197 2.20 0.11 10.53
C LYS A 197 2.31 -1.14 11.40
N SER A 198 1.78 -2.28 10.94
CA SER A 198 1.87 -3.51 11.75
C SER A 198 2.31 -4.71 10.93
N LYS A 199 3.20 -5.54 11.51
CA LYS A 199 3.62 -6.78 10.85
C LYS A 199 2.60 -7.89 11.05
N ASN A 200 1.56 -7.60 11.85
CA ASN A 200 0.46 -8.52 12.10
C ASN A 200 -0.83 -7.71 12.27
N ARG A 201 -1.32 -7.13 11.19
CA ARG A 201 -2.51 -6.30 11.18
C ARG A 201 -3.71 -6.98 11.77
N SER A 202 -3.94 -8.26 11.41
CA SER A 202 -5.08 -9.03 11.90
C SER A 202 -5.15 -9.05 13.39
N GLN A 203 -4.02 -9.29 14.03
CA GLN A 203 -3.87 -9.31 15.49
C GLN A 203 -4.09 -7.93 16.08
N THR A 204 -3.46 -6.89 15.50
CA THR A 204 -3.60 -5.51 16.02
C THR A 204 -5.07 -5.08 16.02
N VAL A 205 -5.78 -5.33 14.92
CA VAL A 205 -7.20 -5.00 14.76
C VAL A 205 -8.08 -5.73 15.79
N SER A 206 -7.91 -7.06 15.89
CA SER A 206 -8.63 -7.93 16.82
C SER A 206 -8.48 -7.42 18.25
N ASN A 207 -7.24 -7.09 18.67
CA ASN A 207 -6.93 -6.57 20.00
C ASN A 207 -7.56 -5.22 20.25
N TRP A 208 -7.43 -4.27 19.30
CA TRP A 208 -7.98 -2.93 19.45
C TRP A 208 -9.50 -2.92 19.43
N LEU A 209 -10.13 -3.81 18.65
CA LEU A 209 -11.61 -3.90 18.68
C LEU A 209 -12.10 -4.38 20.07
N LYS A 210 -11.36 -5.34 20.65
CA LYS A 210 -11.65 -5.95 21.93
C LYS A 210 -11.44 -4.97 23.07
N TRP A 211 -10.24 -4.36 23.15
CA TRP A 211 -9.86 -3.43 24.20
C TRP A 211 -10.54 -2.06 24.16
N PHE A 212 -10.73 -1.49 22.98
CA PHE A 212 -11.25 -0.13 22.88
C PHE A 212 -12.66 0.03 22.40
N ASP A 213 -13.37 -1.11 22.16
CA ASP A 213 -14.76 -1.13 21.71
C ASP A 213 -14.93 -0.26 20.45
N MSE A 214 -13.97 -0.37 19.53
CA MSE A 214 -13.95 0.41 18.31
C MSE A 214 -14.88 -0.16 17.23
O MSE A 214 -15.29 -1.32 17.34
CB MSE A 214 -12.51 0.51 17.78
CG MSE A 214 -11.64 1.50 18.54
SE MSE A 214 -9.81 1.48 17.85
CE MSE A 214 -8.88 2.68 19.14
N ASP A 215 -15.22 0.65 16.22
CA ASP A 215 -16.04 0.26 15.09
C ASP A 215 -15.09 0.09 13.88
N ILE A 216 -15.45 -0.82 12.96
CA ILE A 216 -14.70 -1.08 11.72
C ILE A 216 -15.25 -0.11 10.70
N VAL A 217 -14.34 0.61 10.02
CA VAL A 217 -14.69 1.58 8.99
C VAL A 217 -14.41 1.01 7.59
N GLU A 218 -13.23 0.41 7.41
CA GLU A 218 -12.78 -0.07 6.11
C GLU A 218 -11.84 -1.23 6.31
N GLU A 219 -11.94 -2.21 5.41
CA GLU A 219 -11.08 -3.39 5.40
C GLU A 219 -10.72 -3.70 3.96
N ASN A 220 -9.41 -3.85 3.68
CA ASN A 220 -8.91 -4.21 2.35
C ASN A 220 -7.58 -4.97 2.45
N ASP A 221 -6.94 -5.27 1.32
CA ASP A 221 -5.69 -6.07 1.31
C ASP A 221 -4.48 -5.37 1.88
N HIS A 222 -4.58 -4.05 2.11
CA HIS A 222 -3.46 -3.24 2.60
C HIS A 222 -3.68 -2.66 3.98
N TYR A 223 -4.89 -2.16 4.28
CA TYR A 223 -5.16 -1.53 5.57
C TYR A 223 -6.57 -1.78 6.09
N THR A 224 -6.74 -1.50 7.40
CA THR A 224 -8.00 -1.52 8.14
C THR A 224 -8.15 -0.16 8.86
N ASP A 225 -9.30 0.51 8.68
CA ASP A 225 -9.57 1.76 9.39
C ASP A 225 -10.50 1.47 10.55
N LEU A 226 -10.13 1.95 11.73
CA LEU A 226 -10.92 1.79 12.94
C LEU A 226 -11.33 3.17 13.49
N ILE A 227 -12.42 3.24 14.26
CA ILE A 227 -12.86 4.48 14.85
C ILE A 227 -13.39 4.21 16.26
N LEU A 228 -13.16 5.14 17.20
CA LEU A 228 -13.73 5.02 18.55
C LEU A 228 -15.19 5.41 18.42
N LYS A 229 -16.06 4.84 19.25
CA LYS A 229 -17.50 5.15 19.19
C LYS A 229 -17.83 6.62 19.50
N ASN A 230 -16.99 7.28 20.32
CA ASN A 230 -17.23 8.64 20.79
C ASN A 230 -16.19 9.68 20.36
N ASP A 231 -15.51 9.42 19.24
CA ASP A 231 -14.53 10.36 18.70
C ASP A 231 -14.46 10.28 17.17
N ASP A 232 -14.04 11.38 16.53
CA ASP A 232 -13.97 11.42 15.06
C ASP A 232 -12.59 11.07 14.44
N ILE A 233 -11.57 10.72 15.26
CA ILE A 233 -10.25 10.35 14.75
C ILE A 233 -10.27 8.95 14.13
N TYR A 234 -9.69 8.79 12.94
CA TYR A 234 -9.55 7.48 12.34
C TYR A 234 -8.23 6.86 12.79
N PHE A 235 -8.23 5.54 12.96
CA PHE A 235 -7.06 4.76 13.31
C PHE A 235 -6.83 3.81 12.17
N ARG A 236 -5.78 4.07 11.38
CA ARG A 236 -5.48 3.24 10.25
C ARG A 236 -4.35 2.31 10.61
N ILE A 237 -4.61 1.00 10.54
CA ILE A 237 -3.62 -0.06 10.77
C ILE A 237 -3.33 -0.60 9.38
N GLU A 238 -2.10 -0.43 8.91
CA GLU A 238 -1.71 -0.90 7.61
C GLU A 238 -0.56 -1.89 7.69
N ASP A 239 -0.57 -2.81 6.74
CA ASP A 239 0.48 -3.83 6.63
C ASP A 239 1.81 -3.11 6.38
N GLY A 240 2.86 -3.57 7.03
CA GLY A 240 4.17 -2.99 6.83
C GLY A 240 5.27 -3.97 7.15
N LYS A 241 6.49 -3.63 6.73
CA LYS A 241 7.68 -4.42 7.07
C LYS A 241 8.13 -3.99 8.49
N VAL A 242 7.54 -2.90 9.01
CA VAL A 242 7.80 -2.41 10.37
C VAL A 242 6.51 -2.48 11.23
N SER A 243 6.67 -2.56 12.55
CA SER A 243 5.55 -2.48 13.49
C SER A 243 5.77 -1.19 14.30
N LYS A 244 5.03 -0.13 13.98
CA LYS A 244 5.16 1.15 14.68
C LYS A 244 4.06 2.17 14.43
N TYR A 245 3.94 3.13 15.37
CA TYR A 245 3.10 4.32 15.24
C TYR A 245 3.90 5.15 14.23
N HIS A 246 3.35 5.28 13.03
CA HIS A 246 4.03 5.83 11.87
C HIS A 246 3.82 7.30 11.56
N SER A 247 2.58 7.73 11.47
CA SER A 247 2.28 9.10 11.10
C SER A 247 0.96 9.59 11.64
N VAL A 248 0.80 10.89 11.64
CA VAL A 248 -0.41 11.56 12.10
C VAL A 248 -0.85 12.51 10.96
N ILE A 249 -2.15 12.53 10.66
CA ILE A 249 -2.72 13.39 9.61
C ILE A 249 -3.45 14.50 10.32
N ILE A 250 -3.03 15.74 10.08
CA ILE A 250 -3.56 16.93 10.72
C ILE A 250 -4.19 17.82 9.69
N LYS A 251 -5.48 18.10 9.86
CA LYS A 251 -6.19 19.01 8.96
C LYS A 251 -5.72 20.41 9.35
N ASP A 252 -5.32 21.21 8.36
CA ASP A 252 -4.81 22.57 8.58
C ASP A 252 -5.70 23.55 7.81
N ALA A 253 -6.50 24.35 8.55
CA ALA A 253 -7.42 25.35 7.99
C ALA A 253 -6.72 26.44 7.16
N GLN A 254 -5.43 26.71 7.46
CA GLN A 254 -4.62 27.70 6.75
C GLN A 254 -3.81 27.12 5.56
N ALA A 255 -3.85 25.78 5.37
CA ALA A 255 -3.13 25.14 4.26
C ALA A 255 -3.94 25.15 2.97
N THR A 256 -3.25 25.37 1.84
CA THR A 256 -3.85 25.37 0.51
C THR A 256 -3.43 24.10 -0.20
N SER A 257 -2.25 23.56 0.18
CA SER A 257 -1.66 22.35 -0.40
C SER A 257 -1.20 21.36 0.68
N PRO A 258 -1.32 20.04 0.47
CA PRO A 258 -0.83 19.10 1.50
C PRO A 258 0.69 19.13 1.60
N TYR A 259 1.22 18.66 2.73
CA TYR A 259 2.65 18.52 2.95
C TYR A 259 2.91 17.60 4.12
N SER A 260 4.07 17.03 4.15
CA SER A 260 4.48 16.15 5.23
C SER A 260 5.81 16.56 5.76
N ILE A 261 5.97 16.43 7.07
CA ILE A 261 7.22 16.77 7.71
C ILE A 261 7.74 15.52 8.38
N PHE A 262 8.96 15.09 8.01
CA PHE A 262 9.60 13.96 8.68
CA PHE A 262 9.59 13.95 8.64
C PHE A 262 10.53 14.55 9.67
N ILE A 263 10.31 14.25 10.96
CA ILE A 263 11.15 14.79 12.00
C ILE A 263 11.32 13.85 13.17
N ARG A 264 12.59 13.55 13.51
CA ARG A 264 12.98 12.70 14.64
C ARG A 264 12.22 11.41 14.71
N GLY A 265 12.14 10.72 13.57
CA GLY A 265 11.50 9.40 13.43
C GLY A 265 9.99 9.38 13.29
N ALA A 266 9.34 10.56 13.26
CA ALA A 266 7.89 10.66 13.14
C ALA A 266 7.48 11.42 11.88
N ILE A 267 6.24 11.19 11.41
CA ILE A 267 5.75 11.86 10.20
C ILE A 267 4.52 12.65 10.56
N TYR A 268 4.57 13.96 10.33
CA TYR A 268 3.43 14.83 10.56
C TYR A 268 2.92 15.21 9.18
N ARG A 269 1.72 14.73 8.79
CA ARG A 269 1.11 15.04 7.49
C ARG A 269 0.07 16.12 7.67
N PHE A 270 0.11 17.17 6.84
CA PHE A 270 -0.85 18.28 6.92
C PHE A 270 -1.66 18.35 5.66
N GLU A 271 -2.97 18.46 5.83
CA GLU A 271 -3.88 18.51 4.68
C GLU A 271 -4.84 19.69 4.77
N PRO A 272 -5.17 20.32 3.61
CA PRO A 272 -6.14 21.44 3.64
C PRO A 272 -7.56 21.02 4.02
N LEU A 273 -8.41 22.02 4.39
CA LEU A 273 -9.82 21.95 4.83
C LEU A 273 -10.01 21.49 6.28
N ILE B 22 -16.74 -9.32 -25.92
CA ILE B 22 -16.27 -10.54 -25.28
C ILE B 22 -14.74 -10.50 -25.29
N LEU B 23 -14.18 -10.00 -24.19
CA LEU B 23 -12.73 -9.88 -24.02
C LEU B 23 -12.25 -10.78 -22.93
N LYS B 24 -11.11 -11.42 -23.15
CA LYS B 24 -10.44 -12.26 -22.15
C LYS B 24 -8.95 -11.93 -22.15
N PHE B 25 -8.26 -12.25 -21.06
CA PHE B 25 -6.81 -12.03 -20.98
C PHE B 25 -6.10 -13.00 -21.93
N ASP B 26 -5.18 -12.50 -22.77
CA ASP B 26 -4.43 -13.40 -23.66
C ASP B 26 -3.03 -13.65 -23.17
N HIS B 27 -2.22 -12.61 -23.06
CA HIS B 27 -0.85 -12.79 -22.64
C HIS B 27 -0.28 -11.52 -22.01
N ILE B 28 0.83 -11.68 -21.27
CA ILE B 28 1.57 -10.58 -20.70
C ILE B 28 2.95 -10.61 -21.35
N ILE B 29 3.49 -9.43 -21.68
CA ILE B 29 4.78 -9.34 -22.32
C ILE B 29 5.84 -8.96 -21.34
N HIS B 30 6.91 -9.76 -21.31
CA HIS B 30 8.08 -9.50 -20.49
C HIS B 30 9.31 -9.33 -21.40
N TYR B 31 9.89 -8.11 -21.41
CA TYR B 31 11.10 -7.84 -22.19
C TYR B 31 12.33 -8.35 -21.40
N ILE B 32 13.07 -9.31 -22.00
CA ILE B 32 14.27 -9.94 -21.41
C ILE B 32 15.44 -9.82 -22.37
N ASP B 33 16.52 -9.14 -21.96
CA ASP B 33 17.73 -9.03 -22.79
C ASP B 33 18.42 -10.40 -22.80
N GLN B 34 19.06 -10.80 -23.93
CA GLN B 34 19.74 -12.10 -24.04
C GLN B 34 18.80 -13.26 -23.70
N LEU B 35 17.60 -13.22 -24.29
CA LEU B 35 16.55 -14.23 -24.10
C LEU B 35 16.96 -15.65 -24.49
N ASP B 36 17.88 -15.83 -25.45
CA ASP B 36 18.31 -17.19 -25.84
C ASP B 36 18.95 -17.99 -24.72
N ARG B 37 19.60 -17.30 -23.79
CA ARG B 37 20.30 -17.92 -22.66
C ARG B 37 19.33 -18.17 -21.51
N PHE B 38 18.21 -17.46 -21.50
CA PHE B 38 17.23 -17.44 -20.42
C PHE B 38 16.37 -18.68 -20.24
N SER B 39 16.16 -19.01 -18.95
CA SER B 39 15.24 -20.02 -18.45
C SER B 39 14.73 -19.50 -17.10
N PHE B 40 13.52 -19.91 -16.69
CA PHE B 40 12.97 -19.56 -15.40
C PHE B 40 13.71 -20.32 -14.28
N PRO B 41 13.83 -19.73 -13.06
CA PRO B 41 14.51 -20.43 -11.97
C PRO B 41 13.88 -21.78 -11.64
N GLY B 42 14.71 -22.81 -11.55
CA GLY B 42 14.28 -24.19 -11.32
C GLY B 42 13.26 -24.70 -12.33
N ASP B 43 13.21 -24.06 -13.53
CA ASP B 43 12.25 -24.40 -14.60
C ASP B 43 10.80 -24.43 -14.07
N VAL B 44 10.46 -23.54 -13.10
CA VAL B 44 9.12 -23.46 -12.48
C VAL B 44 8.05 -23.36 -13.58
N ILE B 45 8.28 -22.47 -14.55
CA ILE B 45 7.41 -22.29 -15.73
C ILE B 45 8.25 -22.76 -16.90
N LYS B 46 7.74 -23.78 -17.60
CA LYS B 46 8.42 -24.31 -18.78
C LYS B 46 8.25 -23.33 -19.95
N LEU B 47 9.26 -23.25 -20.79
CA LEU B 47 9.28 -22.37 -21.94
C LEU B 47 9.44 -23.17 -23.21
N HIS B 48 8.84 -22.66 -24.28
CA HIS B 48 8.92 -23.21 -25.63
C HIS B 48 9.30 -22.02 -26.54
N SER B 49 10.30 -22.22 -27.42
CA SER B 49 10.75 -21.22 -28.39
C SER B 49 9.59 -20.84 -29.28
N GLY B 50 9.47 -19.54 -29.54
CA GLY B 50 8.40 -19.00 -30.35
C GLY B 50 8.86 -18.82 -31.78
N GLY B 51 8.92 -17.59 -32.21
CA GLY B 51 9.33 -17.25 -33.55
C GLY B 51 9.84 -15.84 -33.63
N TYR B 52 10.12 -15.38 -34.85
CA TYR B 52 10.62 -14.04 -35.15
C TYR B 52 9.52 -13.19 -35.80
N HIS B 53 9.40 -11.93 -35.34
CA HIS B 53 8.45 -10.95 -35.87
C HIS B 53 9.26 -10.15 -36.90
N HIS B 54 9.17 -10.52 -38.20
CA HIS B 54 9.96 -9.88 -39.26
C HIS B 54 9.84 -8.39 -39.36
N LYS B 55 8.62 -7.85 -39.14
CA LYS B 55 8.34 -6.40 -39.18
C LYS B 55 9.14 -5.60 -38.17
N TYR B 56 9.39 -6.18 -36.97
CA TYR B 56 10.04 -5.49 -35.86
C TYR B 56 11.45 -5.92 -35.50
N GLY B 57 11.86 -7.12 -35.86
CA GLY B 57 13.21 -7.62 -35.56
C GLY B 57 13.32 -8.23 -34.17
N THR B 58 12.17 -8.63 -33.60
CA THR B 58 12.05 -9.22 -32.26
C THR B 58 11.76 -10.72 -32.37
N PHE B 59 12.00 -11.45 -31.26
CA PHE B 59 11.72 -12.89 -31.14
C PHE B 59 11.22 -13.18 -29.76
N ASN B 60 10.56 -14.31 -29.59
CA ASN B 60 9.99 -14.63 -28.30
C ASN B 60 10.19 -16.09 -27.83
N LYS B 61 9.83 -16.35 -26.58
CA LYS B 61 9.81 -17.65 -25.93
C LYS B 61 8.53 -17.58 -25.17
N LEU B 62 7.81 -18.69 -25.13
CA LEU B 62 6.48 -18.71 -24.55
C LEU B 62 6.32 -19.64 -23.39
N GLY B 63 5.72 -19.11 -22.34
CA GLY B 63 5.36 -19.84 -21.13
C GLY B 63 3.86 -20.04 -21.14
N TYR B 64 3.40 -21.19 -21.68
CA TYR B 64 1.97 -21.49 -21.76
C TYR B 64 1.43 -21.89 -20.39
N ILE B 65 0.40 -21.18 -19.95
CA ILE B 65 -0.23 -21.43 -18.67
C ILE B 65 -1.51 -22.24 -18.92
N ASN B 66 -2.65 -21.57 -19.14
CA ASN B 66 -3.94 -22.24 -19.35
C ASN B 66 -4.86 -21.30 -20.12
N GLU B 67 -4.89 -21.47 -21.47
CA GLU B 67 -5.67 -20.66 -22.42
C GLU B 67 -5.17 -19.20 -22.46
N ASN B 68 -3.98 -18.99 -21.88
CA ASN B 68 -3.25 -17.72 -21.82
C ASN B 68 -1.77 -18.05 -21.61
N TYR B 69 -0.88 -17.09 -21.79
CA TYR B 69 0.53 -17.37 -21.66
C TYR B 69 1.36 -16.17 -21.27
N ILE B 70 2.65 -16.43 -21.03
CA ILE B 70 3.65 -15.39 -20.78
C ILE B 70 4.47 -15.31 -22.05
N GLU B 71 4.57 -14.10 -22.64
CA GLU B 71 5.40 -13.89 -23.81
C GLU B 71 6.69 -13.21 -23.35
N LEU B 72 7.80 -13.93 -23.46
CA LEU B 72 9.12 -13.36 -23.14
C LEU B 72 9.59 -12.84 -24.47
N LEU B 73 9.96 -11.59 -24.54
CA LEU B 73 10.30 -10.93 -25.78
C LEU B 73 11.68 -10.32 -25.77
N ASP B 74 12.42 -10.43 -26.89
CA ASP B 74 13.73 -9.80 -27.04
C ASP B 74 13.89 -9.26 -28.47
N VAL B 75 14.91 -8.45 -28.69
CA VAL B 75 15.21 -7.86 -29.98
C VAL B 75 16.49 -8.47 -30.57
N GLU B 76 16.36 -9.01 -31.78
CA GLU B 76 17.48 -9.58 -32.54
C GLU B 76 18.06 -8.51 -33.47
N ASN B 77 17.18 -7.76 -34.17
CA ASN B 77 17.56 -6.70 -35.10
C ASN B 77 17.16 -5.31 -34.56
N ASN B 78 18.05 -4.70 -33.78
CA ASN B 78 17.93 -3.38 -33.14
C ASN B 78 17.77 -2.22 -34.10
N GLU B 79 18.46 -2.28 -35.26
CA GLU B 79 18.40 -1.24 -36.31
C GLU B 79 16.96 -1.15 -36.84
N LYS B 80 16.36 -2.31 -37.13
CA LYS B 80 15.01 -2.44 -37.65
C LYS B 80 14.01 -1.92 -36.65
N LEU B 81 14.08 -2.38 -35.38
CA LEU B 81 13.14 -1.95 -34.33
C LEU B 81 13.16 -0.45 -34.09
N LYS B 82 14.36 0.17 -34.09
CA LYS B 82 14.54 1.62 -33.90
C LYS B 82 13.89 2.43 -35.02
N LYS B 83 13.99 1.92 -36.27
CA LYS B 83 13.39 2.52 -37.47
C LYS B 83 11.87 2.44 -37.34
N MSE B 84 11.36 1.24 -37.00
CA MSE B 84 9.94 0.95 -36.77
C MSE B 84 9.34 1.80 -35.69
O MSE B 84 8.19 2.22 -35.81
CB MSE B 84 9.75 -0.51 -36.38
CG MSE B 84 9.61 -1.43 -37.57
SE MSE B 84 8.21 -0.88 -38.87
CE MSE B 84 6.65 -0.57 -37.67
N ALA B 85 10.11 2.06 -34.61
CA ALA B 85 9.63 2.88 -33.49
C ALA B 85 9.33 4.34 -33.85
N LYS B 86 9.86 4.81 -34.99
CA LYS B 86 9.70 6.19 -35.45
C LYS B 86 8.48 6.38 -36.37
N THR B 87 7.80 5.27 -36.73
CA THR B 87 6.60 5.29 -37.54
C THR B 87 5.36 5.49 -36.62
N ILE B 88 4.18 5.67 -37.21
CA ILE B 88 2.90 5.86 -36.51
C ILE B 88 2.51 4.56 -35.79
N GLU B 89 2.63 3.45 -36.51
CA GLU B 89 2.39 2.12 -35.99
C GLU B 89 3.37 1.85 -34.83
N GLY B 90 4.63 2.27 -35.00
CA GLY B 90 5.70 2.15 -34.01
C GLY B 90 5.49 2.90 -32.72
N GLY B 91 4.68 3.95 -32.76
CA GLY B 91 4.34 4.74 -31.59
C GLY B 91 3.41 3.98 -30.66
N VAL B 92 2.69 2.97 -31.18
CA VAL B 92 1.75 2.13 -30.38
C VAL B 92 2.13 0.64 -30.28
N ALA B 93 2.91 0.11 -31.23
CA ALA B 93 3.22 -1.34 -31.30
C ALA B 93 3.83 -1.94 -30.04
N PHE B 94 3.50 -3.21 -29.73
CA PHE B 94 4.05 -3.89 -28.57
C PHE B 94 5.59 -3.99 -28.61
N ALA B 95 6.19 -4.34 -29.78
CA ALA B 95 7.66 -4.52 -29.88
C ALA B 95 8.48 -3.26 -29.67
N THR B 96 8.03 -2.16 -30.25
CA THR B 96 8.71 -0.86 -30.20
C THR B 96 8.72 -0.24 -28.81
N GLN B 97 7.88 -0.76 -27.87
CA GLN B 97 7.85 -0.32 -26.46
C GLN B 97 9.22 -0.55 -25.83
N ILE B 98 9.95 -1.59 -26.30
CA ILE B 98 11.33 -1.93 -25.86
C ILE B 98 12.23 -0.69 -26.05
N VAL B 99 12.14 -0.05 -27.24
CA VAL B 99 12.91 1.17 -27.57
C VAL B 99 12.41 2.39 -26.79
N GLN B 100 11.10 2.64 -26.89
CA GLN B 100 10.43 3.80 -26.27
C GLN B 100 10.59 3.84 -24.76
N GLU B 101 10.67 2.67 -24.12
CA GLU B 101 10.88 2.55 -22.69
C GLU B 101 12.38 2.36 -22.32
N LYS B 102 13.27 2.87 -23.18
CA LYS B 102 14.72 2.94 -23.02
C LYS B 102 15.40 1.61 -22.69
N TYR B 103 14.89 0.48 -23.25
CA TYR B 103 15.50 -0.85 -23.05
C TYR B 103 15.50 -1.31 -21.59
N GLU B 104 14.55 -0.79 -20.78
CA GLU B 104 14.37 -1.21 -19.40
C GLU B 104 13.64 -2.55 -19.44
N GLN B 105 14.24 -3.60 -18.87
CA GLN B 105 13.63 -4.93 -18.84
C GLN B 105 12.47 -4.98 -17.85
N GLY B 106 11.51 -5.85 -18.12
CA GLY B 106 10.34 -6.06 -17.28
C GLY B 106 9.08 -6.22 -18.09
N PHE B 107 7.94 -6.31 -17.39
CA PHE B 107 6.64 -6.41 -18.03
C PHE B 107 6.39 -5.15 -18.83
N LYS B 108 6.02 -5.34 -20.13
CA LYS B 108 5.78 -4.20 -21.04
C LYS B 108 4.30 -3.85 -21.21
N ASN B 109 3.46 -4.89 -21.33
CA ASN B 109 2.04 -4.70 -21.55
C ASN B 109 1.29 -6.02 -21.37
N ILE B 110 -0.04 -5.95 -21.50
CA ILE B 110 -0.92 -7.10 -21.51
C ILE B 110 -1.71 -7.03 -22.82
N CYS B 111 -2.19 -8.17 -23.25
CA CYS B 111 -2.90 -8.30 -24.50
C CYS B 111 -4.20 -9.01 -24.18
N LEU B 112 -5.29 -8.48 -24.72
CA LEU B 112 -6.61 -9.03 -24.49
C LEU B 112 -7.13 -9.70 -25.79
N HIS B 113 -7.62 -10.92 -25.64
CA HIS B 113 -8.15 -11.77 -26.70
C HIS B 113 -9.60 -11.40 -27.12
N THR B 114 -9.88 -11.40 -28.44
CA THR B 114 -11.21 -11.24 -29.03
C THR B 114 -11.44 -12.23 -30.16
N ASN B 115 -12.67 -12.63 -30.37
CA ASN B 115 -13.00 -13.48 -31.52
C ASN B 115 -13.50 -12.60 -32.67
N ASP B 116 -13.65 -11.28 -32.40
CA ASP B 116 -14.12 -10.30 -33.40
C ASP B 116 -13.42 -8.93 -33.22
N ILE B 117 -12.23 -8.80 -33.81
CA ILE B 117 -11.44 -7.57 -33.71
C ILE B 117 -12.07 -6.37 -34.46
N GLU B 118 -12.88 -6.65 -35.52
CA GLU B 118 -13.56 -5.61 -36.30
C GLU B 118 -14.69 -4.97 -35.50
N ALA B 119 -15.42 -5.76 -34.68
CA ALA B 119 -16.47 -5.33 -33.75
C ALA B 119 -15.84 -4.49 -32.65
N VAL B 120 -14.63 -4.85 -32.20
CA VAL B 120 -13.88 -4.07 -31.22
C VAL B 120 -13.50 -2.75 -31.83
N LYS B 121 -12.95 -2.76 -33.05
CA LYS B 121 -12.56 -1.54 -33.76
C LYS B 121 -13.77 -0.61 -33.94
N ASN B 122 -14.93 -1.15 -34.39
CA ASN B 122 -16.14 -0.38 -34.60
C ASN B 122 -16.63 0.22 -33.30
N LYS B 123 -16.61 -0.55 -32.18
CA LYS B 123 -17.05 -0.08 -30.87
C LYS B 123 -16.18 1.06 -30.36
N LEU B 124 -14.84 0.96 -30.51
CA LEU B 124 -13.97 2.01 -30.03
C LEU B 124 -14.12 3.26 -30.90
N GLN B 125 -14.20 3.09 -32.22
CA GLN B 125 -14.42 4.18 -33.17
C GLN B 125 -15.77 4.88 -32.97
N SER B 126 -16.79 4.13 -32.54
CA SER B 126 -18.13 4.71 -32.30
C SER B 126 -18.11 5.57 -31.03
N GLU B 127 -17.04 5.48 -30.22
CA GLU B 127 -16.83 6.27 -28.99
C GLU B 127 -15.73 7.30 -29.23
N GLN B 128 -15.36 7.49 -30.50
CA GLN B 128 -14.28 8.35 -31.00
C GLN B 128 -12.91 8.05 -30.37
N VAL B 129 -12.66 6.75 -30.08
CA VAL B 129 -11.35 6.31 -29.57
C VAL B 129 -10.46 6.11 -30.80
N GLU B 130 -9.30 6.77 -30.84
CA GLU B 130 -8.38 6.64 -31.97
C GLU B 130 -7.73 5.27 -31.92
N VAL B 131 -7.73 4.58 -33.04
CA VAL B 131 -7.16 3.23 -33.09
C VAL B 131 -6.16 3.08 -34.21
N VAL B 132 -5.23 2.13 -34.02
CA VAL B 132 -4.24 1.77 -35.05
C VAL B 132 -4.48 0.32 -35.36
N GLY B 133 -4.78 0.03 -36.62
CA GLY B 133 -5.01 -1.34 -37.05
C GLY B 133 -6.42 -1.63 -37.54
N PRO B 134 -6.78 -2.92 -37.74
CA PRO B 134 -6.00 -4.14 -37.46
C PRO B 134 -4.68 -4.28 -38.24
N ILE B 135 -3.63 -4.66 -37.50
CA ILE B 135 -2.28 -4.89 -38.01
C ILE B 135 -2.11 -6.39 -38.21
N GLN B 136 -1.88 -6.82 -39.46
CA GLN B 136 -1.66 -8.24 -39.77
C GLN B 136 -0.26 -8.66 -39.27
N MSE B 137 -0.20 -9.81 -38.58
CA MSE B 137 1.03 -10.30 -37.96
C MSE B 137 1.23 -11.77 -38.23
O MSE B 137 0.27 -12.52 -38.37
CB MSE B 137 0.94 -10.12 -36.43
CG MSE B 137 0.89 -8.70 -35.93
SE MSE B 137 2.58 -7.75 -35.91
CE MSE B 137 3.64 -8.95 -34.79
N GLU B 138 2.49 -12.22 -38.20
CA GLU B 138 2.83 -13.63 -38.37
C GLU B 138 4.17 -13.95 -37.77
N ARG B 139 4.40 -15.23 -37.54
CA ARG B 139 5.68 -15.81 -37.14
C ARG B 139 5.67 -17.26 -37.56
N ASP B 140 6.83 -17.73 -38.06
CA ASP B 140 7.04 -19.10 -38.50
C ASP B 140 7.14 -20.06 -37.32
N THR B 141 6.66 -21.29 -37.49
CA THR B 141 6.79 -22.29 -36.44
C THR B 141 8.14 -23.03 -36.66
N HIS B 142 8.53 -23.90 -35.72
CA HIS B 142 9.75 -24.70 -35.85
C HIS B 142 9.65 -25.75 -37.02
N LYS B 143 8.43 -25.88 -37.62
CA LYS B 143 8.08 -26.73 -38.78
C LYS B 143 7.82 -25.86 -40.03
N ASP B 144 7.07 -26.39 -41.04
CA ASP B 144 6.76 -25.72 -42.31
C ASP B 144 5.72 -24.59 -42.21
N GLY B 145 4.97 -24.56 -41.11
CA GLY B 145 3.90 -23.59 -40.90
C GLY B 145 4.29 -22.19 -40.49
N LYS B 146 3.25 -21.36 -40.29
CA LYS B 146 3.29 -19.96 -39.87
C LYS B 146 2.03 -19.75 -39.07
N VAL B 147 2.15 -19.07 -37.92
CA VAL B 147 0.99 -18.76 -37.08
C VAL B 147 0.62 -17.31 -37.36
N LYS B 148 -0.68 -17.06 -37.64
CA LYS B 148 -1.17 -15.72 -38.00
C LYS B 148 -2.16 -15.12 -37.01
N TRP B 149 -2.10 -13.79 -36.89
CA TRP B 149 -2.98 -13.04 -36.02
C TRP B 149 -3.07 -11.58 -36.45
N GLN B 150 -4.03 -10.87 -35.87
CA GLN B 150 -4.22 -9.43 -36.08
C GLN B 150 -4.17 -8.74 -34.73
N LEU B 151 -3.58 -7.55 -34.70
CA LEU B 151 -3.52 -6.73 -33.49
C LEU B 151 -4.25 -5.40 -33.74
N LEU B 152 -4.83 -4.82 -32.70
CA LEU B 152 -5.50 -3.53 -32.77
C LEU B 152 -5.03 -2.78 -31.54
N TYR B 153 -4.61 -1.54 -31.75
CA TYR B 153 -4.09 -0.71 -30.67
C TYR B 153 -4.94 0.49 -30.42
N ILE B 154 -4.93 0.95 -29.17
CA ILE B 154 -5.58 2.18 -28.77
C ILE B 154 -4.54 3.29 -28.86
N MSE B 155 -4.88 4.41 -29.51
CA MSE B 155 -4.00 5.56 -29.59
C MSE B 155 -4.59 6.75 -28.79
O MSE B 155 -5.36 7.56 -29.33
CB MSE B 155 -3.66 5.93 -31.03
CG MSE B 155 -2.33 6.61 -31.12
SE MSE B 155 -2.43 8.06 -32.38
CE MSE B 155 -1.88 7.11 -33.95
N ASN B 156 -4.26 6.81 -27.49
CA ASN B 156 -4.76 7.87 -26.63
C ASN B 156 -4.08 9.21 -26.94
N GLN B 157 -4.90 10.24 -27.31
CA GLN B 157 -4.47 11.61 -27.64
C GLN B 157 -4.05 12.35 -26.39
N ASP B 158 -4.63 11.97 -25.24
CA ASP B 158 -4.28 12.52 -23.94
C ASP B 158 -3.15 11.69 -23.36
N ASP B 159 -2.68 12.04 -22.15
CA ASP B 159 -1.58 11.37 -21.47
C ASP B 159 -1.91 9.96 -20.98
N ASP B 160 -0.95 9.04 -21.12
CA ASP B 160 -1.05 7.68 -20.61
C ASP B 160 0.08 7.50 -19.62
N GLU B 161 -0.23 7.23 -18.35
CA GLU B 161 0.82 6.85 -17.41
C GLU B 161 1.23 5.42 -17.76
N ILE B 162 0.24 4.60 -18.17
CA ILE B 162 0.37 3.18 -18.46
C ILE B 162 0.13 2.93 -19.93
N LYS B 163 0.99 2.10 -20.56
CA LYS B 163 0.77 1.78 -21.96
C LYS B 163 -0.54 1.02 -22.07
N PRO B 164 -1.49 1.49 -22.94
CA PRO B 164 -2.77 0.79 -23.05
C PRO B 164 -2.66 -0.66 -23.48
N PRO B 165 -3.38 -1.59 -22.78
CA PRO B 165 -3.46 -2.96 -23.27
C PRO B 165 -3.97 -2.96 -24.72
N PHE B 166 -3.55 -3.97 -25.50
CA PHE B 166 -3.94 -4.07 -26.90
C PHE B 166 -4.73 -5.34 -27.15
N PHE B 167 -5.29 -5.47 -28.37
CA PHE B 167 -6.19 -6.57 -28.69
C PHE B 167 -5.58 -7.53 -29.70
N ILE B 168 -5.93 -8.78 -29.59
CA ILE B 168 -5.50 -9.83 -30.50
C ILE B 168 -6.68 -10.67 -30.97
N GLN B 169 -6.65 -11.01 -32.26
CA GLN B 169 -7.55 -11.98 -32.87
C GLN B 169 -6.66 -12.94 -33.65
N TRP B 170 -6.61 -14.18 -33.19
CA TRP B 170 -5.83 -15.23 -33.83
C TRP B 170 -6.56 -15.70 -35.10
N GLU B 171 -5.78 -16.03 -36.16
CA GLU B 171 -6.27 -16.59 -37.44
C GLU B 171 -7.16 -17.80 -37.11
N GLU B 172 -6.66 -18.65 -36.22
CA GLU B 172 -7.26 -19.86 -35.70
C GLU B 172 -8.44 -19.55 -34.79
N SER B 173 -9.39 -20.47 -34.74
CA SER B 173 -10.57 -20.40 -33.89
C SER B 173 -10.12 -20.62 -32.45
N ASP B 174 -10.88 -20.05 -31.49
CA ASP B 174 -10.67 -20.18 -30.04
C ASP B 174 -10.63 -21.69 -29.70
N SER B 175 -11.53 -22.47 -30.33
CA SER B 175 -11.63 -23.92 -30.22
C SER B 175 -10.40 -24.63 -30.82
N MSE B 176 -10.00 -24.25 -32.07
CA MSE B 176 -8.86 -24.81 -32.79
C MSE B 176 -7.55 -24.58 -32.05
O MSE B 176 -6.69 -25.46 -32.03
CB MSE B 176 -8.73 -24.20 -34.20
CG MSE B 176 -9.67 -24.81 -35.24
SE MSE B 176 -9.52 -23.90 -37.00
CE MSE B 176 -11.28 -24.46 -37.78
N ARG B 177 -7.40 -23.37 -31.46
CA ARG B 177 -6.22 -22.94 -30.72
C ARG B 177 -6.04 -23.71 -29.41
N THR B 178 -7.09 -23.81 -28.57
CA THR B 178 -7.03 -24.54 -27.28
C THR B 178 -6.83 -26.04 -27.49
N LYS B 179 -7.21 -26.55 -28.66
CA LYS B 179 -7.04 -27.94 -29.01
C LYS B 179 -5.57 -28.21 -29.36
N LYS B 180 -4.94 -27.31 -30.15
CA LYS B 180 -3.54 -27.43 -30.58
C LYS B 180 -2.47 -27.01 -29.54
N LEU B 181 -2.84 -26.14 -28.58
CA LEU B 181 -1.90 -25.64 -27.55
C LEU B 181 -1.94 -26.41 -26.25
N GLN B 182 -3.02 -27.15 -25.99
CA GLN B 182 -3.17 -27.94 -24.77
C GLN B 182 -1.99 -28.86 -24.42
N LYS B 183 -1.20 -29.28 -25.44
CA LYS B 183 0.01 -30.11 -25.24
C LYS B 183 1.11 -29.33 -24.49
N TYR B 184 1.06 -27.98 -24.54
CA TYR B 184 1.98 -27.04 -23.91
C TYR B 184 1.45 -26.40 -22.62
N PHE B 185 0.12 -26.39 -22.41
CA PHE B 185 -0.47 -25.83 -21.18
C PHE B 185 0.07 -26.51 -19.91
N GLN B 186 0.36 -25.70 -18.88
CA GLN B 186 0.85 -26.17 -17.57
C GLN B 186 -0.25 -25.84 -16.61
N LYS B 187 -1.23 -26.76 -16.53
CA LYS B 187 -2.48 -26.63 -15.79
C LYS B 187 -2.44 -26.59 -14.26
N GLN B 188 -1.24 -26.73 -13.69
CA GLN B 188 -0.98 -26.58 -12.25
C GLN B 188 -1.04 -25.06 -11.94
N PHE B 189 -0.78 -24.24 -12.98
CA PHE B 189 -0.78 -22.78 -12.89
C PHE B 189 -2.03 -22.17 -13.47
N SER B 190 -2.40 -21.01 -12.94
CA SER B 190 -3.55 -20.22 -13.38
C SER B 190 -3.26 -18.77 -13.03
N ILE B 191 -3.23 -17.88 -14.03
CA ILE B 191 -3.04 -16.44 -13.80
C ILE B 191 -4.29 -15.93 -13.07
N GLU B 192 -4.10 -15.21 -11.96
CA GLU B 192 -5.17 -14.72 -11.14
C GLU B 192 -5.30 -13.20 -11.19
N THR B 193 -4.16 -12.47 -11.10
CA THR B 193 -4.15 -11.02 -11.02
C THR B 193 -2.95 -10.46 -11.73
N VAL B 194 -3.13 -9.27 -12.28
CA VAL B 194 -2.11 -8.46 -12.90
C VAL B 194 -2.13 -7.16 -12.12
N ILE B 195 -0.98 -6.84 -11.53
CA ILE B 195 -0.81 -5.65 -10.74
C ILE B 195 -0.06 -4.58 -11.53
N VAL B 196 -0.70 -3.41 -11.62
CA VAL B 196 -0.20 -2.24 -12.32
C VAL B 196 -0.01 -1.14 -11.28
N LYS B 197 1.19 -0.52 -11.28
CA LYS B 197 1.48 0.63 -10.42
C LYS B 197 1.27 1.85 -11.29
N SER B 198 0.52 2.87 -10.80
CA SER B 198 0.27 4.06 -11.61
C SER B 198 0.46 5.36 -10.82
N LYS B 199 1.08 6.37 -11.43
CA LYS B 199 1.25 7.68 -10.80
C LYS B 199 -0.03 8.50 -10.95
N ASN B 200 -1.01 7.96 -11.68
CA ASN B 200 -2.32 8.59 -11.86
C ASN B 200 -3.39 7.51 -11.97
N ARG B 201 -3.67 6.84 -10.85
CA ARG B 201 -4.62 5.74 -10.81
C ARG B 201 -5.99 6.12 -11.34
N SER B 202 -6.47 7.31 -10.97
CA SER B 202 -7.79 7.80 -11.39
C SER B 202 -7.96 7.77 -12.87
N GLN B 203 -6.95 8.27 -13.58
CA GLN B 203 -6.94 8.31 -15.03
CA GLN B 203 -6.91 8.32 -15.04
C GLN B 203 -6.80 6.91 -15.63
N THR B 204 -5.92 6.04 -15.06
CA THR B 204 -5.77 4.67 -15.59
C THR B 204 -7.10 3.90 -15.52
N VAL B 205 -7.78 3.98 -14.36
CA VAL B 205 -9.08 3.34 -14.13
C VAL B 205 -10.15 3.83 -15.11
N SER B 206 -10.30 5.16 -15.22
CA SER B 206 -11.26 5.83 -16.09
C SER B 206 -11.09 5.36 -17.54
N ASN B 207 -9.83 5.32 -18.03
CA ASN B 207 -9.51 4.87 -19.39
C ASN B 207 -9.81 3.41 -19.60
N TRP B 208 -9.40 2.54 -18.65
CA TRP B 208 -9.63 1.09 -18.77
C TRP B 208 -11.12 0.74 -18.68
N LEU B 209 -11.89 1.46 -17.86
CA LEU B 209 -13.35 1.20 -17.81
C LEU B 209 -14.01 1.54 -19.14
N LYS B 210 -13.56 2.64 -19.77
CA LYS B 210 -14.04 3.15 -21.06
C LYS B 210 -13.69 2.21 -22.20
N TRP B 211 -12.39 1.89 -22.34
CA TRP B 211 -11.86 1.06 -23.42
C TRP B 211 -12.20 -0.43 -23.33
N PHE B 212 -12.18 -1.01 -22.13
CA PHE B 212 -12.36 -2.45 -22.00
C PHE B 212 -13.67 -2.93 -21.43
N ASP B 213 -14.61 -1.99 -21.16
CA ASP B 213 -15.93 -2.29 -20.62
C ASP B 213 -15.82 -3.15 -19.34
N MSE B 214 -14.87 -2.80 -18.49
CA MSE B 214 -14.59 -3.54 -17.27
C MSE B 214 -15.55 -3.20 -16.14
O MSE B 214 -16.22 -2.17 -16.21
CB MSE B 214 -13.13 -3.30 -16.83
CG MSE B 214 -12.11 -4.09 -17.64
SE MSE B 214 -10.31 -3.62 -17.10
CE MSE B 214 -9.19 -4.57 -18.42
N ASP B 215 -15.62 -4.05 -15.11
CA ASP B 215 -16.44 -3.85 -13.92
C ASP B 215 -15.49 -3.46 -12.78
N ILE B 216 -15.97 -2.64 -11.84
CA ILE B 216 -15.25 -2.21 -10.64
C ILE B 216 -15.50 -3.27 -9.57
N VAL B 217 -14.43 -3.73 -8.95
CA VAL B 217 -14.47 -4.76 -7.93
C VAL B 217 -14.24 -4.15 -6.53
N GLU B 218 -13.24 -3.27 -6.42
CA GLU B 218 -12.82 -2.69 -5.15
C GLU B 218 -12.20 -1.35 -5.40
N GLU B 219 -12.48 -0.42 -4.52
CA GLU B 219 -11.93 0.92 -4.57
C GLU B 219 -11.56 1.33 -3.12
N ASN B 220 -10.32 1.78 -2.92
CA ASN B 220 -9.84 2.26 -1.62
C ASN B 220 -8.72 3.32 -1.80
N ASP B 221 -8.10 3.78 -0.71
CA ASP B 221 -7.08 4.84 -0.76
C ASP B 221 -5.78 4.44 -1.41
N HIS B 222 -5.57 3.14 -1.65
CA HIS B 222 -4.33 2.61 -2.20
C HIS B 222 -4.48 1.99 -3.58
N TYR B 223 -5.55 1.20 -3.80
CA TYR B 223 -5.76 0.53 -5.08
C TYR B 223 -7.22 0.42 -5.51
N THR B 224 -7.39 0.09 -6.81
CA THR B 224 -8.65 -0.20 -7.47
C THR B 224 -8.52 -1.56 -8.18
N ASP B 225 -9.45 -2.49 -7.94
CA ASP B 225 -9.49 -3.76 -8.64
C ASP B 225 -10.53 -3.70 -9.74
N LEU B 226 -10.13 -4.10 -10.94
CA LEU B 226 -11.00 -4.13 -12.11
C LEU B 226 -11.09 -5.56 -12.64
N ILE B 227 -12.19 -5.90 -13.32
CA ILE B 227 -12.38 -7.23 -13.90
C ILE B 227 -13.04 -7.10 -15.27
N LEU B 228 -12.65 -7.96 -16.23
CA LEU B 228 -13.31 -7.99 -17.53
C LEU B 228 -14.63 -8.71 -17.31
N LYS B 229 -15.66 -8.37 -18.08
CA LYS B 229 -16.97 -9.02 -17.95
C LYS B 229 -16.98 -10.52 -18.23
N ASN B 230 -16.05 -10.98 -19.08
CA ASN B 230 -15.99 -12.38 -19.54
C ASN B 230 -14.73 -13.15 -19.16
N ASP B 231 -14.05 -12.72 -18.11
CA ASP B 231 -12.85 -13.40 -17.63
C ASP B 231 -12.70 -13.28 -16.11
N ASP B 232 -12.00 -14.24 -15.49
CA ASP B 232 -11.81 -14.26 -14.04
C ASP B 232 -10.52 -13.58 -13.52
N ILE B 233 -9.68 -13.00 -14.40
CA ILE B 233 -8.45 -12.32 -13.99
C ILE B 233 -8.78 -10.96 -13.37
N TYR B 234 -8.17 -10.65 -12.22
CA TYR B 234 -8.30 -9.33 -11.63
C TYR B 234 -7.20 -8.43 -12.16
N PHE B 235 -7.50 -7.14 -12.32
CA PHE B 235 -6.58 -6.11 -12.73
C PHE B 235 -6.51 -5.11 -11.59
N ARG B 236 -5.40 -5.14 -10.84
CA ARG B 236 -5.22 -4.23 -9.74
C ARG B 236 -4.36 -3.05 -10.17
N ILE B 237 -4.92 -1.84 -10.06
CA ILE B 237 -4.21 -0.59 -10.33
CA ILE B 237 -4.24 -0.58 -10.34
C ILE B 237 -3.98 0.03 -8.98
N GLU B 238 -2.73 0.18 -8.61
CA GLU B 238 -2.38 0.74 -7.33
C GLU B 238 -1.51 1.97 -7.45
N ASP B 239 -1.66 2.88 -6.50
CA ASP B 239 -0.89 4.10 -6.44
C ASP B 239 0.57 3.73 -6.26
N GLY B 240 1.46 4.40 -6.97
CA GLY B 240 2.88 4.14 -6.83
C GLY B 240 3.72 5.34 -7.20
N LYS B 241 5.01 5.26 -6.88
CA LYS B 241 5.98 6.29 -7.25
C LYS B 241 6.39 6.02 -8.72
N VAL B 242 6.06 4.82 -9.23
CA VAL B 242 6.34 4.39 -10.61
C VAL B 242 5.03 4.14 -11.38
N SER B 243 5.07 4.25 -12.71
CA SER B 243 3.96 3.89 -13.58
C SER B 243 4.43 2.69 -14.41
N LYS B 244 3.98 1.48 -14.03
CA LYS B 244 4.36 0.25 -14.75
C LYS B 244 3.54 -0.98 -14.46
N TYR B 245 3.59 -1.97 -15.40
CA TYR B 245 3.06 -3.31 -15.23
C TYR B 245 4.09 -3.91 -14.25
N HIS B 246 3.65 -4.15 -13.04
CA HIS B 246 4.51 -4.52 -11.91
C HIS B 246 4.67 -6.00 -11.61
N SER B 247 3.57 -6.71 -11.46
CA SER B 247 3.63 -8.10 -11.08
C SER B 247 2.42 -8.89 -11.58
N VAL B 248 2.57 -10.20 -11.60
CA VAL B 248 1.52 -11.14 -11.96
C VAL B 248 1.38 -12.16 -10.80
N ILE B 249 0.14 -12.49 -10.41
CA ILE B 249 -0.15 -13.44 -9.33
C ILE B 249 -0.65 -14.70 -10.00
N ILE B 250 0.07 -15.80 -9.80
CA ILE B 250 -0.21 -17.09 -10.42
C ILE B 250 -0.55 -18.08 -9.36
N LYS B 251 -1.74 -18.67 -9.45
CA LYS B 251 -2.18 -19.71 -8.53
C LYS B 251 -1.41 -20.96 -8.94
N ASP B 252 -0.77 -21.63 -7.98
CA ASP B 252 0.02 -22.84 -8.24
C ASP B 252 -0.55 -24.00 -7.41
N ALA B 253 -1.20 -24.98 -8.10
CA ALA B 253 -1.83 -26.16 -7.49
C ALA B 253 -0.84 -27.03 -6.70
N GLN B 254 0.45 -27.00 -7.06
CA GLN B 254 1.52 -27.77 -6.39
C GLN B 254 2.23 -26.98 -5.26
N ALA B 255 1.87 -25.70 -5.05
CA ALA B 255 2.47 -24.90 -3.98
C ALA B 255 1.75 -25.09 -2.65
N THR B 256 2.51 -25.13 -1.55
CA THR B 256 1.97 -25.24 -0.19
C THR B 256 2.13 -23.88 0.48
N SER B 257 3.13 -23.09 0.04
CA SER B 257 3.46 -21.77 0.58
C SER B 257 3.64 -20.73 -0.53
N PRO B 258 3.25 -19.46 -0.32
CA PRO B 258 3.46 -18.45 -1.36
C PRO B 258 4.94 -18.13 -1.56
N TYR B 259 5.28 -17.58 -2.73
CA TYR B 259 6.64 -17.12 -3.02
C TYR B 259 6.62 -16.19 -4.19
N SER B 260 7.62 -15.35 -4.29
CA SER B 260 7.73 -14.42 -5.38
C SER B 260 9.10 -14.52 -5.98
N ILE B 261 9.15 -14.38 -7.29
CA ILE B 261 10.40 -14.42 -8.02
C ILE B 261 10.57 -13.08 -8.71
N PHE B 262 11.67 -12.38 -8.41
CA PHE B 262 11.99 -11.14 -9.10
CA PHE B 262 11.99 -11.13 -9.06
C PHE B 262 12.99 -11.50 -10.16
N ILE B 263 12.61 -11.27 -11.41
CA ILE B 263 13.49 -11.62 -12.50
C ILE B 263 13.39 -10.67 -13.68
N ARG B 264 14.54 -10.09 -14.07
CA ARG B 264 14.67 -9.18 -15.21
C ARG B 264 13.61 -8.09 -15.24
N GLY B 265 13.44 -7.43 -14.10
CA GLY B 265 12.51 -6.30 -13.93
C GLY B 265 11.05 -6.63 -13.71
N ALA B 266 10.70 -7.93 -13.65
CA ALA B 266 9.33 -8.37 -13.44
C ALA B 266 9.17 -9.18 -12.14
N ILE B 267 7.94 -9.24 -11.61
CA ILE B 267 7.69 -10.00 -10.37
C ILE B 267 6.65 -11.03 -10.68
N TYR B 268 7.00 -12.30 -10.44
CA TYR B 268 6.07 -13.41 -10.63
C TYR B 268 5.77 -13.87 -9.22
N ARG B 269 4.51 -13.67 -8.75
CA ARG B 269 4.08 -14.10 -7.41
CA ARG B 269 4.10 -14.11 -7.41
C ARG B 269 3.30 -15.41 -7.55
N PHE B 270 3.63 -16.43 -6.74
CA PHE B 270 2.97 -17.72 -6.78
C PHE B 270 2.26 -17.97 -5.47
N GLU B 271 1.00 -18.39 -5.57
CA GLU B 271 0.18 -18.63 -4.38
C GLU B 271 -0.49 -20.00 -4.42
N PRO B 272 -0.61 -20.68 -3.24
CA PRO B 272 -1.29 -21.99 -3.22
C PRO B 272 -2.78 -21.92 -3.56
N LEU B 273 -3.33 -23.04 -4.11
CA LEU B 273 -4.71 -23.32 -4.58
C LEU B 273 -4.86 -23.09 -6.07
C1 GOL C . 1.53 15.14 29.28
O1 GOL C . 0.60 16.06 29.65
C2 GOL C . 1.60 14.25 30.47
O2 GOL C . 2.77 14.66 31.15
C3 GOL C . 1.60 12.81 29.96
O3 GOL C . 2.84 12.10 30.22
C1 BTB D . 16.96 7.57 17.04
O1 BTB D . 17.75 8.50 17.73
C2 BTB D . 17.93 6.72 16.27
C3 BTB D . 18.19 7.58 15.01
O3 BTB D . 17.73 6.92 13.85
C4 BTB D . 17.04 5.46 15.95
O4 BTB D . 15.87 5.77 15.13
N BTB D . 19.22 6.35 17.02
C5 BTB D . 19.10 5.88 18.43
C6 BTB D . 19.79 4.52 18.57
O6 BTB D . 18.91 3.60 17.89
C7 BTB D . 20.35 7.37 16.94
C8 BTB D . 21.49 7.21 17.94
O8 BTB D . 21.25 8.03 19.11
O1 PG4 E . -6.40 -12.97 1.36
C1 PG4 E . -6.80 -12.17 2.50
C2 PG4 E . -7.63 -13.08 3.40
O2 PG4 E . -8.29 -12.41 4.46
C3 PG4 E . -7.37 -11.98 5.55
C4 PG4 E . -6.29 -13.03 5.96
O3 PG4 E . -5.49 -12.60 7.11
C5 PG4 E . -4.37 -11.77 6.67
C6 PG4 E . -4.09 -10.64 7.70
O4 PG4 E . -3.62 -9.31 7.24
C7 PG4 E . -4.83 -8.62 6.85
C8 PG4 E . -5.38 -8.95 5.44
O5 PG4 E . -6.71 -8.34 5.32
CL CL F . -0.47 -6.12 17.82
C1 GOL G . -10.16 -8.74 0.19
O1 GOL G . -11.35 -9.61 0.16
C2 GOL G . -10.04 -7.79 1.41
O2 GOL G . -9.77 -8.43 2.72
C3 GOL G . -11.19 -6.75 1.44
O3 GOL G . -11.13 -5.83 0.32
C1 BTB H . 21.59 -2.01 -18.80
O1 BTB H . 22.43 -0.81 -18.80
C2 BTB H . 20.63 -2.17 -20.01
C3 BTB H . 19.88 -3.48 -20.39
O3 BTB H . 19.21 -3.48 -21.66
C4 BTB H . 21.74 -3.27 -20.18
O4 BTB H . 22.67 -3.01 -21.25
N BTB H . 19.67 -1.59 -18.90
C5 BTB H . 18.33 -2.12 -18.73
C6 BTB H . 18.27 -3.02 -17.51
O6 BTB H . 16.87 -3.35 -17.33
C7 BTB H . 19.45 -0.12 -18.88
C8 BTB H . 18.80 0.41 -20.13
O8 BTB H . 19.78 0.62 -21.15
C1 GOL I . 0.87 8.24 -7.32
O1 GOL I . 0.94 7.46 -6.15
C2 GOL I . 0.63 9.73 -6.98
O2 GOL I . 1.52 10.58 -7.77
C3 GOL I . -0.82 10.07 -7.31
O3 GOL I . -1.10 11.45 -6.92
CL CL J . -2.97 6.05 -17.59
C1 GOL K . 3.23 -14.42 -29.18
O1 GOL K . 2.62 -15.61 -29.50
C2 GOL K . 2.98 -13.61 -30.38
O2 GOL K . 4.17 -13.71 -31.19
C3 GOL K . 2.61 -12.22 -29.87
O3 GOL K . 3.64 -11.27 -30.12
CL CL L . -14.98 -3.99 -27.02
C1 GOL M . -10.63 12.70 -3.27
O1 GOL M . -11.76 13.64 -3.21
C2 GOL M . -10.84 11.26 -2.70
O2 GOL M . -11.32 10.32 -3.68
C3 GOL M . -9.58 10.66 -2.03
O3 GOL M . -9.23 11.42 -0.86
C1 GOL N . -6.49 7.50 -6.63
O1 GOL N . -5.42 8.40 -6.65
C2 GOL N . -7.58 7.80 -5.55
O2 GOL N . -7.12 7.68 -4.20
C3 GOL N . -8.74 6.81 -5.64
O3 GOL N . -8.90 6.35 -7.00
#